data_1QX9
#
_entry.id   1QX9
#
_entity_poly.entity_id   1
_entity_poly.type   'polypeptide(L)'
_entity_poly.pdbx_seq_one_letter_code
;ICLKKWPWWPWRRCK(NH2)
;
_entity_poly.pdbx_strand_id   A
#
# COMPACT_ATOMS: atom_id res chain seq x y z
N ILE A 1 10.73 2.77 -2.57
CA ILE A 1 10.03 1.87 -1.61
C ILE A 1 8.62 1.57 -2.10
N CYS A 2 8.03 0.59 -1.50
CA CYS A 2 6.64 0.19 -1.91
C CYS A 2 5.61 0.90 -1.03
N LEU A 3 4.40 0.98 -1.52
CA LEU A 3 3.33 1.64 -0.75
C LEU A 3 2.96 0.83 0.49
N LYS A 4 3.29 1.32 1.65
CA LYS A 4 2.97 0.59 2.89
C LYS A 4 2.37 1.57 3.90
N LYS A 5 1.77 2.60 3.41
CA LYS A 5 1.15 3.61 4.29
C LYS A 5 -0.37 3.67 4.07
N TRP A 6 -1.07 4.40 4.89
CA TRP A 6 -2.54 4.50 4.72
C TRP A 6 -3.19 3.12 4.88
N PRO A 7 -3.72 2.90 6.04
CA PRO A 7 -4.39 1.60 6.34
C PRO A 7 -5.69 1.46 5.56
N TRP A 8 -6.07 2.46 4.81
CA TRP A 8 -7.32 2.37 4.01
C TRP A 8 -7.03 2.61 2.54
N TRP A 9 -5.98 2.03 2.03
CA TRP A 9 -5.64 2.23 0.59
C TRP A 9 -6.34 1.18 -0.27
N PRO A 10 -6.90 1.64 -1.36
CA PRO A 10 -7.62 0.73 -2.28
C PRO A 10 -6.64 -0.16 -3.04
N TRP A 11 -5.72 0.41 -3.76
CA TRP A 11 -4.73 -0.40 -4.52
C TRP A 11 -3.62 -0.87 -3.59
N ARG A 12 -2.62 -1.49 -4.14
CA ARG A 12 -1.49 -1.99 -3.32
C ARG A 12 -0.49 -2.74 -4.19
N ARG A 13 -0.37 -4.04 -4.02
CA ARG A 13 0.61 -4.83 -4.83
C ARG A 13 2.00 -4.59 -4.30
N CYS A 14 2.21 -4.98 -3.08
CA CYS A 14 3.52 -4.80 -2.43
C CYS A 14 4.22 -6.15 -2.32
N LYS A 15 4.76 -6.43 -1.17
CA LYS A 15 5.48 -7.72 -0.96
C LYS A 15 4.76 -8.86 -1.68
N ILE A 1 12.09 1.39 -0.42
CA ILE A 1 11.10 0.32 -0.11
C ILE A 1 9.83 0.53 -0.93
N CYS A 2 8.93 -0.40 -0.85
CA CYS A 2 7.66 -0.29 -1.61
C CYS A 2 6.62 0.48 -0.81
N LEU A 3 5.55 0.79 -1.45
CA LEU A 3 4.47 1.55 -0.78
C LEU A 3 3.92 0.77 0.42
N LYS A 4 4.12 1.27 1.60
CA LYS A 4 3.62 0.57 2.81
C LYS A 4 2.80 1.55 3.63
N LYS A 5 2.30 2.56 3.00
CA LYS A 5 1.49 3.57 3.70
C LYS A 5 -0.01 3.38 3.40
N TRP A 6 -0.85 4.07 4.10
CA TRP A 6 -2.32 3.93 3.87
C TRP A 6 -2.76 2.48 4.10
N PRO A 7 -3.20 2.22 5.29
CA PRO A 7 -3.65 0.86 5.66
C PRO A 7 -5.01 0.55 5.02
N TRP A 8 -5.67 1.53 4.45
CA TRP A 8 -6.99 1.27 3.80
C TRP A 8 -6.92 1.65 2.32
N TRP A 9 -5.88 1.28 1.65
CA TRP A 9 -5.76 1.63 0.21
C TRP A 9 -6.55 0.61 -0.64
N PRO A 10 -7.46 1.13 -1.41
CA PRO A 10 -8.30 0.27 -2.28
C PRO A 10 -7.45 -0.32 -3.41
N TRP A 11 -6.53 0.45 -3.93
CA TRP A 11 -5.66 -0.06 -5.02
C TRP A 11 -4.31 -0.46 -4.44
N ARG A 12 -3.38 -0.76 -5.31
CA ARG A 12 -2.01 -1.17 -4.87
C ARG A 12 -2.06 -2.04 -3.61
N ARG A 13 -0.91 -2.26 -3.00
CA ARG A 13 -0.80 -3.10 -1.77
C ARG A 13 0.56 -3.80 -1.79
N CYS A 14 1.60 -3.07 -1.54
CA CYS A 14 2.95 -3.65 -1.54
C CYS A 14 3.41 -3.95 -0.11
N LYS A 15 4.62 -3.64 0.19
CA LYS A 15 5.15 -3.89 1.55
C LYS A 15 4.11 -3.52 2.61
N ILE A 1 10.43 3.56 -2.56
CA ILE A 1 10.02 2.27 -1.92
C ILE A 1 8.55 1.97 -2.20
N CYS A 2 8.12 0.82 -1.81
CA CYS A 2 6.69 0.43 -2.05
C CYS A 2 5.78 1.10 -1.02
N LEU A 3 4.53 1.19 -1.33
CA LEU A 3 3.56 1.83 -0.40
C LEU A 3 3.31 0.94 0.81
N LYS A 4 3.65 1.40 1.97
CA LYS A 4 3.43 0.61 3.20
C LYS A 4 2.72 1.48 4.23
N LYS A 5 2.01 2.45 3.74
CA LYS A 5 1.29 3.38 4.65
C LYS A 5 -0.19 3.48 4.23
N TRP A 6 -0.95 4.24 4.96
CA TRP A 6 -2.40 4.40 4.63
C TRP A 6 -3.14 3.07 4.80
N PRO A 7 -3.72 2.91 5.95
CA PRO A 7 -4.48 1.68 6.27
C PRO A 7 -5.78 1.59 5.46
N TRP A 8 -6.09 2.60 4.69
CA TRP A 8 -7.35 2.57 3.89
C TRP A 8 -7.02 2.76 2.41
N TRP A 9 -6.03 2.07 1.92
CA TRP A 9 -5.67 2.21 0.49
C TRP A 9 -6.50 1.24 -0.37
N PRO A 10 -7.00 1.75 -1.46
CA PRO A 10 -7.83 0.93 -2.37
C PRO A 10 -6.96 -0.07 -3.14
N TRP A 11 -6.04 0.41 -3.93
CA TRP A 11 -5.16 -0.52 -4.71
C TRP A 11 -4.13 -1.15 -3.78
N ARG A 12 -3.22 -1.88 -4.35
CA ARG A 12 -2.16 -2.54 -3.53
C ARG A 12 -1.31 -3.46 -4.42
N ARG A 13 -0.12 -3.76 -3.97
CA ARG A 13 0.79 -4.66 -4.73
C ARG A 13 2.21 -4.48 -4.22
N CYS A 14 2.46 -4.94 -3.04
CA CYS A 14 3.80 -4.81 -2.44
C CYS A 14 4.46 -6.19 -2.33
N LYS A 15 5.03 -6.47 -1.20
CA LYS A 15 5.70 -7.78 -1.00
C LYS A 15 4.89 -8.91 -1.65
N ILE A 1 10.55 3.54 -1.93
CA ILE A 1 9.94 2.44 -1.11
C ILE A 1 8.59 2.06 -1.68
N CYS A 2 8.11 0.94 -1.25
CA CYS A 2 6.79 0.44 -1.75
C CYS A 2 5.66 0.98 -0.88
N LEU A 3 4.47 0.97 -1.40
CA LEU A 3 3.30 1.47 -0.63
C LEU A 3 3.09 0.64 0.63
N LYS A 4 3.44 1.17 1.76
CA LYS A 4 3.25 0.42 3.03
C LYS A 4 2.66 1.36 4.08
N LYS A 5 1.91 2.32 3.63
CA LYS A 5 1.28 3.28 4.56
C LYS A 5 -0.19 3.48 4.21
N TRP A 6 -0.90 4.25 5.00
CA TRP A 6 -2.34 4.50 4.72
C TRP A 6 -3.14 3.20 4.86
N PRO A 7 -3.74 3.05 6.01
CA PRO A 7 -4.55 1.84 6.30
C PRO A 7 -5.84 1.84 5.47
N TRP A 8 -6.07 2.85 4.68
CA TRP A 8 -7.30 2.89 3.86
C TRP A 8 -6.95 2.95 2.37
N TRP A 9 -6.00 2.17 1.95
CA TRP A 9 -5.59 2.20 0.51
C TRP A 9 -6.41 1.16 -0.27
N PRO A 10 -7.02 1.62 -1.34
CA PRO A 10 -7.85 0.73 -2.19
C PRO A 10 -6.97 -0.23 -2.99
N TRP A 11 -6.07 0.28 -3.77
CA TRP A 11 -5.18 -0.61 -4.59
C TRP A 11 -4.14 -1.28 -3.71
N ARG A 12 -3.26 -1.99 -4.32
CA ARG A 12 -2.19 -2.70 -3.55
C ARG A 12 -1.22 -3.40 -4.51
N ARG A 13 -0.03 -3.67 -4.06
CA ARG A 13 0.98 -4.36 -4.91
C ARG A 13 2.37 -4.16 -4.32
N CYS A 14 2.61 -4.79 -3.21
CA CYS A 14 3.93 -4.67 -2.55
C CYS A 14 4.62 -6.03 -2.52
N LYS A 15 5.16 -6.38 -1.40
CA LYS A 15 5.86 -7.69 -1.26
C LYS A 15 5.11 -8.78 -2.02
N ILE A 1 10.23 3.70 -1.17
CA ILE A 1 9.95 2.24 -1.13
C ILE A 1 8.50 1.98 -1.48
N CYS A 2 8.18 0.73 -1.55
CA CYS A 2 6.79 0.31 -1.88
C CYS A 2 5.80 0.93 -0.91
N LEU A 3 4.57 0.99 -1.30
CA LEU A 3 3.52 1.58 -0.43
C LEU A 3 3.37 0.77 0.85
N LYS A 4 3.69 1.35 1.97
CA LYS A 4 3.57 0.64 3.26
C LYS A 4 2.84 1.53 4.25
N LYS A 5 2.04 2.41 3.73
CA LYS A 5 1.28 3.35 4.60
C LYS A 5 -0.18 3.45 4.13
N TRP A 6 -0.96 4.25 4.80
CA TRP A 6 -2.39 4.40 4.42
C TRP A 6 -3.16 3.10 4.69
N PRO A 7 -3.76 3.06 5.85
CA PRO A 7 -4.54 1.86 6.25
C PRO A 7 -5.84 1.76 5.46
N TRP A 8 -6.14 2.73 4.64
CA TRP A 8 -7.40 2.66 3.84
C TRP A 8 -7.07 2.76 2.35
N TRP A 9 -6.07 2.05 1.90
CA TRP A 9 -5.71 2.12 0.47
C TRP A 9 -6.55 1.11 -0.33
N PRO A 10 -7.19 1.61 -1.35
CA PRO A 10 -8.06 0.75 -2.21
C PRO A 10 -7.20 -0.20 -3.06
N TRP A 11 -6.14 0.31 -3.62
CA TRP A 11 -5.26 -0.56 -4.47
C TRP A 11 -4.11 -1.11 -3.63
N ARG A 12 -3.20 -1.76 -4.27
CA ARG A 12 -2.04 -2.33 -3.54
C ARG A 12 -1.20 -3.21 -4.47
N ARG A 13 -0.02 -3.59 -4.04
CA ARG A 13 0.87 -4.45 -4.86
C ARG A 13 2.29 -4.34 -4.33
N CYS A 14 2.53 -4.89 -3.17
CA CYS A 14 3.87 -4.83 -2.56
C CYS A 14 4.51 -6.21 -2.58
N LYS A 15 5.08 -6.60 -1.48
CA LYS A 15 5.73 -7.93 -1.39
C LYS A 15 4.92 -8.98 -2.16
N ILE A 1 9.60 4.03 -0.25
CA ILE A 1 9.44 2.55 -0.35
C ILE A 1 8.08 2.21 -0.96
N CYS A 2 7.87 0.96 -1.22
CA CYS A 2 6.58 0.52 -1.82
C CYS A 2 5.41 0.89 -0.90
N LEU A 3 4.24 0.91 -1.44
CA LEU A 3 3.04 1.25 -0.63
C LEU A 3 3.11 0.57 0.74
N LYS A 4 3.40 1.32 1.76
CA LYS A 4 3.47 0.74 3.11
C LYS A 4 2.86 1.73 4.11
N LYS A 5 1.94 2.51 3.64
CA LYS A 5 1.27 3.51 4.53
C LYS A 5 -0.21 3.63 4.17
N TRP A 6 -0.97 4.32 4.99
CA TRP A 6 -2.43 4.48 4.70
C TRP A 6 -3.13 3.12 4.82
N PRO A 7 -3.74 2.92 5.96
CA PRO A 7 -4.47 1.65 6.22
C PRO A 7 -5.76 1.58 5.39
N TRP A 8 -6.06 2.62 4.66
CA TRP A 8 -7.30 2.60 3.83
C TRP A 8 -6.93 2.75 2.35
N TRP A 9 -5.93 2.05 1.91
CA TRP A 9 -5.51 2.15 0.48
C TRP A 9 -6.30 1.15 -0.36
N PRO A 10 -6.93 1.66 -1.40
CA PRO A 10 -7.73 0.80 -2.29
C PRO A 10 -6.83 -0.12 -3.12
N TRP A 11 -5.78 0.42 -3.68
CA TRP A 11 -4.85 -0.42 -4.48
C TRP A 11 -3.84 -1.09 -3.57
N ARG A 12 -2.86 -1.70 -4.15
CA ARG A 12 -1.81 -2.40 -3.34
C ARG A 12 -0.77 -3.03 -4.26
N ARG A 13 -0.44 -4.28 -4.05
CA ARG A 13 0.59 -4.96 -4.90
C ARG A 13 1.98 -4.53 -4.45
N CYS A 14 2.29 -4.88 -3.24
CA CYS A 14 3.61 -4.53 -2.67
C CYS A 14 4.47 -5.78 -2.53
N LYS A 15 5.03 -6.00 -1.38
CA LYS A 15 5.90 -7.19 -1.17
C LYS A 15 5.29 -8.41 -1.87
N ILE A 1 6.31 3.76 -6.58
CA ILE A 1 6.79 2.79 -5.55
C ILE A 1 5.63 2.33 -4.68
N CYS A 2 5.92 1.44 -3.81
CA CYS A 2 4.88 0.87 -2.90
C CYS A 2 4.91 1.58 -1.55
N LEU A 3 3.83 1.47 -0.82
CA LEU A 3 3.75 2.11 0.52
C LEU A 3 3.10 1.18 1.53
N LYS A 4 3.65 1.09 2.71
CA LYS A 4 3.05 0.21 3.74
C LYS A 4 2.28 1.08 4.72
N LYS A 5 2.04 2.29 4.32
CA LYS A 5 1.29 3.24 5.18
C LYS A 5 -0.12 3.45 4.64
N TRP A 6 -0.89 4.27 5.31
CA TRP A 6 -2.29 4.53 4.87
C TRP A 6 -3.12 3.25 4.93
N PRO A 7 -3.84 3.12 6.02
CA PRO A 7 -4.70 1.94 6.23
C PRO A 7 -5.91 1.94 5.30
N TRP A 8 -6.03 2.96 4.47
CA TRP A 8 -7.18 3.01 3.53
C TRP A 8 -6.69 3.03 2.08
N TRP A 9 -5.72 2.21 1.77
CA TRP A 9 -5.18 2.19 0.39
C TRP A 9 -5.97 1.19 -0.46
N PRO A 10 -6.54 1.69 -1.52
CA PRO A 10 -7.35 0.83 -2.43
C PRO A 10 -6.45 -0.12 -3.22
N TRP A 11 -5.41 0.39 -3.82
CA TRP A 11 -4.50 -0.49 -4.61
C TRP A 11 -3.55 -1.24 -3.68
N ARG A 12 -2.65 -1.96 -4.26
CA ARG A 12 -1.67 -2.74 -3.44
C ARG A 12 -0.69 -3.48 -4.34
N ARG A 13 -0.34 -4.70 -4.00
CA ARG A 13 0.62 -5.50 -4.83
C ARG A 13 2.04 -5.04 -4.54
N CYS A 14 2.45 -5.25 -3.33
CA CYS A 14 3.82 -4.86 -2.91
C CYS A 14 4.73 -6.07 -2.92
N LYS A 15 5.47 -6.27 -1.88
CA LYS A 15 6.40 -7.43 -1.81
C LYS A 15 5.75 -8.68 -2.41
N ILE A 1 10.74 1.22 -2.86
CA ILE A 1 10.16 0.55 -1.67
C ILE A 1 8.71 0.15 -1.93
N CYS A 2 8.13 -0.56 -1.02
CA CYS A 2 6.73 -1.01 -1.18
C CYS A 2 5.76 0.03 -0.60
N LEU A 3 4.54 -0.02 -1.04
CA LEU A 3 3.52 0.94 -0.53
C LEU A 3 2.80 0.36 0.69
N LYS A 4 3.08 0.88 1.85
CA LYS A 4 2.41 0.37 3.07
C LYS A 4 1.89 1.55 3.89
N LYS A 5 1.64 2.63 3.23
CA LYS A 5 1.12 3.84 3.93
C LYS A 5 -0.40 3.93 3.77
N TRP A 6 -1.04 4.76 4.54
CA TRP A 6 -2.52 4.89 4.43
C TRP A 6 -3.20 3.56 4.73
N PRO A 7 -3.70 3.45 5.93
CA PRO A 7 -4.39 2.21 6.37
C PRO A 7 -5.73 2.04 5.64
N TRP A 8 -6.08 2.97 4.79
CA TRP A 8 -7.37 2.84 4.05
C TRP A 8 -7.10 2.84 2.55
N TRP A 9 -6.08 2.15 2.12
CA TRP A 9 -5.76 2.11 0.68
C TRP A 9 -6.39 0.86 0.04
N PRO A 10 -7.24 1.09 -0.92
CA PRO A 10 -7.94 -0.03 -1.61
C PRO A 10 -6.97 -0.78 -2.53
N TRP A 11 -6.20 -0.07 -3.31
CA TRP A 11 -5.25 -0.75 -4.24
C TRP A 11 -4.00 -1.17 -3.50
N ARG A 12 -3.04 -1.67 -4.22
CA ARG A 12 -1.76 -2.12 -3.59
C ARG A 12 -0.73 -2.44 -4.68
N ARG A 13 0.41 -2.95 -4.28
CA ARG A 13 1.48 -3.31 -5.25
C ARG A 13 2.80 -3.44 -4.51
N CYS A 14 2.92 -4.48 -3.73
CA CYS A 14 4.16 -4.70 -2.96
C CYS A 14 5.04 -5.73 -3.68
N LYS A 15 5.52 -6.68 -2.95
CA LYS A 15 6.40 -7.73 -3.55
C LYS A 15 5.88 -8.13 -4.94
N ILE A 1 10.18 4.10 -0.40
CA ILE A 1 10.09 2.66 -0.79
C ILE A 1 8.69 2.34 -1.30
N CYS A 2 8.44 1.09 -1.49
CA CYS A 2 7.10 0.64 -1.98
C CYS A 2 6.00 1.11 -1.04
N LEU A 3 4.79 1.13 -1.52
CA LEU A 3 3.64 1.58 -0.70
C LEU A 3 3.53 0.74 0.59
N LYS A 4 2.36 0.21 0.84
CA LYS A 4 2.12 -0.58 2.10
C LYS A 4 1.83 0.39 3.23
N LYS A 5 1.39 1.55 2.86
CA LYS A 5 1.05 2.59 3.86
C LYS A 5 -0.41 2.99 3.70
N TRP A 6 -0.89 3.89 4.52
CA TRP A 6 -2.32 4.31 4.41
C TRP A 6 -3.23 3.13 4.75
N PRO A 7 -3.77 3.18 5.94
CA PRO A 7 -4.68 2.11 6.42
C PRO A 7 -6.00 2.12 5.64
N TRP A 8 -6.18 3.06 4.76
CA TRP A 8 -7.44 3.10 3.98
C TRP A 8 -7.12 3.13 2.48
N TRP A 9 -6.15 2.39 2.06
CA TRP A 9 -5.78 2.38 0.62
C TRP A 9 -6.44 1.18 -0.09
N PRO A 10 -7.14 1.47 -1.15
CA PRO A 10 -7.83 0.41 -1.91
C PRO A 10 -6.83 -0.45 -2.70
N TRP A 11 -5.84 0.17 -3.27
CA TRP A 11 -4.83 -0.61 -4.05
C TRP A 11 -3.59 -0.87 -3.19
N ARG A 12 -2.59 -1.45 -3.79
CA ARG A 12 -1.34 -1.75 -3.04
C ARG A 12 -0.31 -2.42 -3.96
N ARG A 13 -0.10 -3.71 -3.82
CA ARG A 13 0.89 -4.42 -4.68
C ARG A 13 2.29 -4.13 -4.17
N CYS A 14 2.54 -4.55 -2.96
CA CYS A 14 3.86 -4.33 -2.34
C CYS A 14 4.48 -5.67 -1.98
N LYS A 15 5.02 -5.78 -0.81
CA LYS A 15 5.65 -7.04 -0.38
C LYS A 15 4.77 -8.24 -0.76
N ILE A 1 10.16 2.22 -2.34
CA ILE A 1 9.76 0.93 -1.73
C ILE A 1 8.25 0.75 -1.81
N CYS A 2 7.82 -0.37 -1.38
CA CYS A 2 6.36 -0.69 -1.40
C CYS A 2 5.58 0.28 -0.52
N LEU A 3 4.31 0.39 -0.77
CA LEU A 3 3.47 1.32 0.04
C LEU A 3 3.36 0.84 1.48
N LYS A 4 3.77 1.66 2.41
CA LYS A 4 3.68 1.28 3.83
C LYS A 4 2.92 2.35 4.58
N LYS A 5 2.10 3.07 3.87
CA LYS A 5 1.29 4.14 4.50
C LYS A 5 -0.17 4.04 4.05
N TRP A 6 -1.03 4.78 4.68
CA TRP A 6 -2.48 4.74 4.31
C TRP A 6 -3.05 3.34 4.59
N PRO A 7 -3.60 3.19 5.76
CA PRO A 7 -4.20 1.89 6.17
C PRO A 7 -5.52 1.64 5.43
N TRP A 8 -5.98 2.59 4.66
CA TRP A 8 -7.27 2.38 3.92
C TRP A 8 -7.02 2.49 2.42
N TRP A 9 -5.98 1.88 1.93
CA TRP A 9 -5.68 1.95 0.48
C TRP A 9 -6.45 0.84 -0.26
N PRO A 10 -7.23 1.25 -1.22
CA PRO A 10 -8.04 0.29 -2.01
C PRO A 10 -7.14 -0.54 -2.93
N TRP A 11 -6.32 0.10 -3.71
CA TRP A 11 -5.41 -0.66 -4.62
C TRP A 11 -4.25 -1.24 -3.83
N ARG A 12 -3.31 -1.81 -4.53
CA ARG A 12 -2.14 -2.40 -3.84
C ARG A 12 -1.09 -2.84 -4.88
N ARG A 13 0.04 -3.30 -4.43
CA ARG A 13 1.11 -3.76 -5.35
C ARG A 13 2.43 -3.87 -4.58
N CYS A 14 2.51 -4.83 -3.71
CA CYS A 14 3.73 -5.03 -2.92
C CYS A 14 4.42 -6.32 -3.35
N LYS A 15 4.80 -7.12 -2.41
CA LYS A 15 5.47 -8.41 -2.73
C LYS A 15 4.85 -9.04 -3.98
#